data_9B02
#
_entry.id   9B02
#
_cell.length_a   206.091
_cell.length_b   206.091
_cell.length_c   69.310
_cell.angle_alpha   90.000
_cell.angle_beta   90.000
_cell.angle_gamma   120.000
#
_symmetry.space_group_name_H-M   'H 3 2'
#
loop_
_entity.id
_entity.type
_entity.pdbx_description
1 polymer '2-nitroimidazole nitrohydrolase'
2 non-polymer GLYCEROL
3 non-polymer 'SODIUM ION'
4 non-polymer 'CHLORIDE ION'
5 non-polymer 1,2-ETHANEDIOL
6 non-polymer 'DIMETHYL SULFOXIDE'
7 water water
#
_entity_poly.entity_id   1
_entity_poly.type   'polypeptide(L)'
_entity_poly.pdbx_seq_one_letter_code
;MHHHHHHMITVDKRPSSRGYDDWRLSDIPQYKDGISTYEFVRATHEADYRTHQAEPVAGRTFGFNGIGRLTEVALHMPTR
YTLHDQSSQYKESPSFFQGLMGVPDRGPVDLAAFQRETEELATAFENNGIKVHWVDYPEEPANPYGPLMGHVFLSWGSIW
RGGSVISRFGFLPGMVGVSEYLAKWAWNTLNIPPLVAITEGAMEPGACNMIADEVLVTCLSASYDQRGTDQLVAAISKTS
GTEEFHNLQLRPAVEGFFNKATGACAHPDININAIDVGKLVVSPAALDWDARTWLYDNNFELIEADPDEQREFLAPCNVL
LLEPGKVIAHADCHKTNQKIRDAGVEVIEVTGTEIRKACGGIKARVMQINREPGPTLADVRNRVWR
;
_entity_poly.pdbx_strand_id   A
#
loop_
_chem_comp.id
_chem_comp.type
_chem_comp.name
_chem_comp.formula
CL non-polymer 'CHLORIDE ION' 'Cl -1'
DMS non-polymer 'DIMETHYL SULFOXIDE' 'C2 H6 O S'
EDO non-polymer 1,2-ETHANEDIOL 'C2 H6 O2'
GOL non-polymer GLYCEROL 'C3 H8 O3'
NA non-polymer 'SODIUM ION' 'Na 1'
#
# COMPACT_ATOMS: atom_id res chain seq x y z
N ARG A 18 -0.17 27.69 -23.41
CA ARG A 18 -0.62 27.53 -24.82
C ARG A 18 -1.96 28.25 -25.05
N GLY A 19 -2.04 29.15 -26.05
CA GLY A 19 -3.26 29.90 -26.30
C GLY A 19 -4.37 29.04 -26.90
N TYR A 20 -5.61 29.38 -26.55
CA TYR A 20 -6.78 28.61 -26.93
C TYR A 20 -6.93 28.51 -28.45
N ASP A 21 -6.50 29.54 -29.19
CA ASP A 21 -6.65 29.56 -30.64
C ASP A 21 -5.35 29.15 -31.34
N ASP A 22 -4.34 28.70 -30.59
CA ASP A 22 -3.06 28.28 -31.15
C ASP A 22 -2.98 26.77 -31.36
N TRP A 23 -4.01 26.04 -30.92
CA TRP A 23 -4.05 24.59 -31.09
C TRP A 23 -4.23 24.24 -32.57
N ARG A 24 -3.48 23.24 -33.03
CA ARG A 24 -3.62 22.69 -34.38
C ARG A 24 -3.77 21.16 -34.34
N LEU A 25 -4.00 20.55 -35.52
CA LEU A 25 -4.24 19.12 -35.62
C LEU A 25 -2.96 18.35 -35.24
N SER A 26 -1.80 18.93 -35.51
CA SER A 26 -0.54 18.32 -35.11
C SER A 26 -0.48 18.11 -33.60
N ASP A 27 -1.28 18.81 -32.79
CA ASP A 27 -1.28 18.59 -31.35
C ASP A 27 -2.06 17.34 -30.91
N ILE A 28 -2.81 16.71 -31.82
CA ILE A 28 -3.49 15.44 -31.58
C ILE A 28 -2.54 14.31 -31.98
N PRO A 29 -2.02 13.48 -31.03
CA PRO A 29 -0.97 12.52 -31.39
C PRO A 29 -1.36 11.49 -32.45
N GLN A 30 -2.65 11.12 -32.55
CA GLN A 30 -3.10 10.17 -33.56
C GLN A 30 -3.27 10.80 -34.95
N TYR A 31 -3.23 12.14 -35.04
CA TYR A 31 -3.53 12.82 -36.29
C TYR A 31 -2.28 12.72 -37.17
N LYS A 32 -2.47 12.49 -38.46
CA LYS A 32 -1.41 12.59 -39.47
C LYS A 32 -2.06 13.19 -40.71
N ASP A 33 -1.30 13.94 -41.49
CA ASP A 33 -1.89 14.52 -42.68
C ASP A 33 -2.36 13.39 -43.61
N GLY A 34 -3.61 13.49 -44.09
CA GLY A 34 -4.11 12.49 -45.03
C GLY A 34 -4.63 11.20 -44.39
N ILE A 35 -4.69 11.11 -43.06
CA ILE A 35 -5.17 9.92 -42.37
C ILE A 35 -6.66 9.77 -42.67
N SER A 36 -7.14 8.53 -42.85
CA SER A 36 -8.56 8.30 -43.10
C SER A 36 -9.31 8.32 -41.78
N THR A 37 -10.64 8.40 -41.82
CA THR A 37 -11.39 8.38 -40.58
C THR A 37 -11.12 7.08 -39.80
N TYR A 38 -11.26 5.94 -40.50
CA TYR A 38 -11.07 4.62 -39.93
C TYR A 38 -9.70 4.54 -39.27
N GLU A 39 -8.66 4.96 -39.98
CA GLU A 39 -7.32 4.87 -39.43
C GLU A 39 -7.16 5.76 -38.20
N PHE A 40 -7.77 6.96 -38.19
CA PHE A 40 -7.67 7.86 -37.05
C PHE A 40 -8.37 7.22 -35.84
N VAL A 41 -9.58 6.72 -36.06
CA VAL A 41 -10.34 6.06 -35.01
C VAL A 41 -9.56 4.86 -34.49
N ARG A 42 -9.00 4.05 -35.38
CA ARG A 42 -8.30 2.85 -34.97
C ARG A 42 -7.10 3.20 -34.10
N ALA A 43 -6.33 4.21 -34.53
CA ALA A 43 -5.22 4.74 -33.76
C ALA A 43 -5.66 5.21 -32.37
N THR A 44 -6.85 5.79 -32.28
CA THR A 44 -7.39 6.23 -31.01
C THR A 44 -7.72 5.03 -30.13
N HIS A 45 -8.42 4.02 -30.67
CA HIS A 45 -8.71 2.78 -29.95
C HIS A 45 -7.42 2.12 -29.40
N GLU A 46 -6.33 2.23 -30.16
CA GLU A 46 -5.09 1.56 -29.82
C GLU A 46 -4.30 2.35 -28.76
N ALA A 47 -4.62 3.61 -28.48
CA ALA A 47 -3.78 4.39 -27.55
C ALA A 47 -3.82 3.79 -26.14
N ASP A 48 -2.69 3.93 -25.43
CA ASP A 48 -2.58 3.50 -24.06
C ASP A 48 -3.34 4.46 -23.14
N TYR A 49 -4.24 3.94 -22.30
CA TYR A 49 -5.04 4.78 -21.42
C TYR A 49 -4.15 5.62 -20.51
N ARG A 50 -3.21 5.00 -19.81
CA ARG A 50 -2.46 5.68 -18.78
C ARG A 50 -1.69 6.86 -19.38
N THR A 51 -1.04 6.64 -20.53
CA THR A 51 -0.12 7.63 -21.08
C THR A 51 -0.81 8.59 -22.07
N HIS A 52 -1.95 8.22 -22.67
CA HIS A 52 -2.68 9.11 -23.55
C HIS A 52 -3.76 9.90 -22.79
N GLN A 53 -4.41 9.28 -21.80
CA GLN A 53 -5.56 9.89 -21.17
C GLN A 53 -5.28 10.22 -19.69
N ALA A 54 -4.96 9.22 -18.85
CA ALA A 54 -4.98 9.41 -17.41
C ALA A 54 -3.95 10.45 -16.94
N GLU A 55 -2.70 10.29 -17.39
CA GLU A 55 -1.62 11.12 -16.91
C GLU A 55 -1.71 12.52 -17.54
N PRO A 56 -1.85 12.68 -18.87
CA PRO A 56 -2.00 14.02 -19.45
C PRO A 56 -3.18 14.79 -18.86
N VAL A 57 -4.34 14.15 -18.69
CA VAL A 57 -5.47 14.89 -18.13
C VAL A 57 -5.11 15.33 -16.71
N ALA A 58 -4.48 14.45 -15.92
CA ALA A 58 -4.12 14.77 -14.55
C ALA A 58 -3.06 15.87 -14.54
N GLY A 59 -2.24 15.91 -15.59
CA GLY A 59 -1.12 16.83 -15.66
C GLY A 59 0.11 16.33 -14.91
N ARG A 60 0.17 15.01 -14.59
CA ARG A 60 1.27 14.42 -13.84
C ARG A 60 1.27 12.90 -13.92
N THR A 61 2.43 12.30 -13.57
CA THR A 61 2.56 10.87 -13.34
C THR A 61 2.15 10.57 -11.90
N PHE A 62 1.75 9.32 -11.66
CA PHE A 62 1.34 8.85 -10.35
C PHE A 62 1.37 7.33 -10.34
N GLY A 63 1.32 6.77 -9.13
CA GLY A 63 1.19 5.34 -8.90
C GLY A 63 2.34 4.85 -8.02
N PHE A 64 2.05 3.91 -7.11
CA PHE A 64 3.04 3.39 -6.17
C PHE A 64 3.61 2.05 -6.59
N ASN A 65 3.14 1.51 -7.72
CA ASN A 65 3.54 0.19 -8.22
C ASN A 65 5.06 0.00 -8.14
N GLY A 66 5.46 -1.24 -7.83
CA GLY A 66 6.85 -1.61 -8.01
C GLY A 66 7.71 -1.36 -6.76
N ILE A 67 9.04 -1.40 -6.99
CA ILE A 67 10.05 -1.29 -5.94
C ILE A 67 11.13 -0.25 -6.30
N GLY A 68 10.77 0.73 -7.14
CA GLY A 68 11.64 1.84 -7.47
C GLY A 68 11.52 2.96 -6.44
N ARG A 69 11.94 4.17 -6.84
CA ARG A 69 12.20 5.23 -5.88
C ARG A 69 10.91 5.97 -5.56
N LEU A 70 10.51 5.92 -4.29
CA LEU A 70 9.33 6.59 -3.78
C LEU A 70 9.61 8.09 -3.62
N THR A 71 8.67 8.92 -4.08
CA THR A 71 8.89 10.36 -4.14
C THR A 71 7.81 11.16 -3.41
N GLU A 72 6.64 10.56 -3.11
CA GLU A 72 5.51 11.36 -2.66
C GLU A 72 4.50 10.51 -1.92
N VAL A 73 4.08 10.98 -0.72
CA VAL A 73 3.21 10.24 0.19
C VAL A 73 2.22 11.20 0.85
N ALA A 74 1.26 10.64 1.59
CA ALA A 74 0.39 11.40 2.48
C ALA A 74 0.36 10.71 3.84
N LEU A 75 0.29 11.52 4.91
CA LEU A 75 0.11 11.07 6.29
C LEU A 75 -1.12 11.77 6.85
N HIS A 76 -1.70 11.18 7.89
CA HIS A 76 -2.70 11.82 8.72
C HIS A 76 -2.13 12.06 10.12
N MET A 77 -2.17 13.33 10.56
CA MET A 77 -1.81 13.73 11.92
C MET A 77 -3.02 13.41 12.80
N PRO A 78 -2.93 12.48 13.76
CA PRO A 78 -4.08 12.10 14.58
C PRO A 78 -4.67 13.21 15.44
N THR A 79 -5.99 13.14 15.61
CA THR A 79 -6.75 13.91 16.56
C THR A 79 -7.41 12.90 17.48
N ARG A 80 -8.21 13.36 18.45
CA ARG A 80 -8.85 12.42 19.35
C ARG A 80 -9.75 11.47 18.56
N TYR A 81 -10.31 11.94 17.43
CA TYR A 81 -11.25 11.18 16.63
C TYR A 81 -10.58 10.05 15.85
N THR A 82 -9.25 10.12 15.72
CA THR A 82 -8.43 9.10 15.09
C THR A 82 -8.26 7.82 15.96
N LEU A 83 -8.52 7.92 17.26
CA LEU A 83 -8.22 6.85 18.19
C LEU A 83 -9.37 5.84 18.20
N HIS A 84 -9.06 4.58 17.86
CA HIS A 84 -10.08 3.54 17.73
C HIS A 84 -10.75 3.23 19.06
N ASP A 85 -9.98 3.36 20.14
CA ASP A 85 -10.50 3.01 21.46
C ASP A 85 -11.42 4.11 21.99
N GLN A 86 -11.60 5.22 21.26
CA GLN A 86 -12.49 6.31 21.70
C GLN A 86 -13.83 6.32 20.93
N SER A 87 -14.03 5.40 19.97
CA SER A 87 -15.31 5.26 19.30
C SER A 87 -16.34 4.73 20.29
N SER A 88 -17.60 5.19 20.22
CA SER A 88 -18.65 4.70 21.09
C SER A 88 -18.90 3.20 20.90
N GLN A 89 -18.69 2.68 19.68
CA GLN A 89 -18.90 1.25 19.40
C GLN A 89 -17.81 0.40 20.05
N TYR A 90 -16.57 0.87 20.00
CA TYR A 90 -15.51 0.22 20.76
C TYR A 90 -15.84 0.25 22.26
N LYS A 91 -16.27 1.41 22.81
CA LYS A 91 -16.54 1.51 24.23
C LYS A 91 -17.57 0.46 24.62
N GLU A 92 -18.53 0.22 23.72
CA GLU A 92 -19.65 -0.68 23.96
C GLU A 92 -19.15 -2.13 24.00
N SER A 93 -18.19 -2.50 23.15
CA SER A 93 -17.63 -3.85 23.19
C SER A 93 -16.19 -3.84 22.70
N PRO A 94 -15.20 -3.55 23.57
CA PRO A 94 -13.79 -3.70 23.20
C PRO A 94 -13.51 -5.10 22.62
N SER A 95 -14.17 -6.13 23.16
CA SER A 95 -13.83 -7.51 22.78
C SER A 95 -14.30 -7.85 21.36
N PHE A 96 -15.42 -7.26 20.91
CA PHE A 96 -15.81 -7.38 19.51
C PHE A 96 -14.69 -6.92 18.58
N PHE A 97 -14.10 -5.73 18.83
CA PHE A 97 -13.09 -5.19 17.93
C PHE A 97 -11.76 -5.88 18.14
N GLN A 98 -11.49 -6.38 19.35
CA GLN A 98 -10.26 -7.13 19.60
C GLN A 98 -10.33 -8.49 18.89
N GLY A 99 -11.53 -9.05 18.78
CA GLY A 99 -11.81 -10.18 17.88
C GLY A 99 -11.51 -9.90 16.41
N LEU A 100 -12.07 -8.82 15.86
CA LEU A 100 -11.84 -8.48 14.47
C LEU A 100 -10.36 -8.26 14.23
N MET A 101 -9.68 -7.51 15.11
CA MET A 101 -8.33 -7.07 14.80
C MET A 101 -7.31 -8.14 15.25
N GLY A 102 -7.52 -8.71 16.44
CA GLY A 102 -6.68 -9.77 16.96
C GLY A 102 -5.27 -9.34 17.38
N VAL A 103 -5.02 -8.04 17.54
CA VAL A 103 -3.66 -7.62 17.86
C VAL A 103 -3.50 -7.65 19.37
N PRO A 104 -2.27 -7.83 19.88
CA PRO A 104 -2.04 -7.81 21.32
C PRO A 104 -2.44 -6.47 21.93
N ASP A 105 -3.03 -6.54 23.12
CA ASP A 105 -3.46 -5.36 23.87
C ASP A 105 -2.24 -4.74 24.55
N ARG A 106 -1.85 -3.54 24.12
CA ARG A 106 -0.71 -2.82 24.67
C ARG A 106 -1.20 -1.59 25.44
N GLY A 107 -2.47 -1.57 25.85
CA GLY A 107 -2.98 -0.43 26.58
C GLY A 107 -3.63 0.62 25.67
N PRO A 108 -4.21 1.67 26.29
CA PRO A 108 -4.86 2.76 25.54
C PRO A 108 -3.91 3.54 24.64
N VAL A 109 -4.40 4.06 23.52
CA VAL A 109 -3.54 4.85 22.64
C VAL A 109 -3.29 6.18 23.35
N ASP A 110 -2.04 6.65 23.30
CA ASP A 110 -1.71 7.94 23.85
C ASP A 110 -1.68 8.95 22.70
N LEU A 111 -2.64 9.89 22.67
CA LEU A 111 -2.73 10.86 21.58
C LEU A 111 -1.43 11.60 21.35
N ALA A 112 -0.84 12.15 22.42
CA ALA A 112 0.32 13.01 22.29
C ALA A 112 1.52 12.23 21.77
N ALA A 113 1.74 11.01 22.29
CA ALA A 113 2.81 10.17 21.77
C ALA A 113 2.55 9.75 20.32
N PHE A 114 1.29 9.53 19.97
CA PHE A 114 0.88 9.18 18.60
C PHE A 114 1.24 10.34 17.66
N GLN A 115 0.97 11.56 18.11
CA GLN A 115 1.29 12.76 17.34
C GLN A 115 2.81 12.88 17.18
N ARG A 116 3.58 12.61 18.25
CA ARG A 116 5.03 12.73 18.18
C ARG A 116 5.63 11.75 17.18
N GLU A 117 5.29 10.44 17.20
CA GLU A 117 5.86 9.47 16.24
C GLU A 117 5.42 9.80 14.80
N THR A 118 4.28 10.48 14.65
CA THR A 118 3.84 11.00 13.36
C THR A 118 4.78 12.10 12.85
N GLU A 119 5.17 13.02 13.75
CA GLU A 119 6.13 14.05 13.38
C GLU A 119 7.47 13.43 12.98
N GLU A 120 7.93 12.47 13.76
CA GLU A 120 9.20 11.80 13.53
C GLU A 120 9.20 11.13 12.15
N LEU A 121 8.09 10.45 11.78
CA LEU A 121 7.99 9.84 10.46
C LEU A 121 8.04 10.90 9.35
N ALA A 122 7.32 12.01 9.53
CA ALA A 122 7.34 13.09 8.56
C ALA A 122 8.76 13.64 8.34
N THR A 123 9.51 13.83 9.44
CA THR A 123 10.90 14.28 9.38
C THR A 123 11.76 13.27 8.60
N ALA A 124 11.56 11.97 8.83
CA ALA A 124 12.29 10.94 8.09
C ALA A 124 12.05 11.08 6.58
N PHE A 125 10.79 11.34 6.20
CA PHE A 125 10.47 11.56 4.80
C PHE A 125 11.19 12.81 4.26
N GLU A 126 11.09 13.93 4.98
N GLU A 126 11.09 13.92 4.99
CA GLU A 126 11.71 15.18 4.55
CA GLU A 126 11.69 15.18 4.57
C GLU A 126 13.22 15.00 4.41
C GLU A 126 13.21 15.01 4.42
N ASN A 127 13.84 14.32 5.39
CA ASN A 127 15.27 14.05 5.34
C ASN A 127 15.65 13.14 4.18
N ASN A 128 14.70 12.42 3.56
CA ASN A 128 15.05 11.53 2.48
C ASN A 128 14.48 12.04 1.15
N GLY A 129 14.09 13.32 1.11
CA GLY A 129 13.73 13.98 -0.14
C GLY A 129 12.33 13.62 -0.65
N ILE A 130 11.42 13.22 0.27
CA ILE A 130 10.08 12.76 -0.06
C ILE A 130 9.04 13.77 0.42
N LYS A 131 8.14 14.12 -0.50
CA LYS A 131 7.10 15.11 -0.30
C LYS A 131 6.01 14.44 0.52
N VAL A 132 5.54 15.16 1.53
CA VAL A 132 4.51 14.67 2.43
C VAL A 132 3.31 15.59 2.30
N HIS A 133 2.15 15.07 1.87
CA HIS A 133 0.87 15.76 1.96
C HIS A 133 0.23 15.35 3.29
N TRP A 134 -0.67 16.20 3.83
CA TRP A 134 -1.35 15.91 5.07
C TRP A 134 -2.84 15.78 4.81
N VAL A 135 -3.46 14.71 5.31
CA VAL A 135 -4.89 14.51 5.11
C VAL A 135 -5.59 14.67 6.46
N ASP A 136 -6.61 15.51 6.45
CA ASP A 136 -7.45 15.77 7.61
C ASP A 136 -8.82 15.18 7.36
N TYR A 137 -9.52 14.88 8.44
CA TYR A 137 -10.90 14.41 8.37
C TYR A 137 -11.78 15.40 9.11
N PRO A 138 -13.09 15.44 8.88
CA PRO A 138 -13.94 16.32 9.68
C PRO A 138 -13.91 15.97 11.17
N GLU A 139 -14.32 16.93 12.01
N GLU A 139 -14.35 16.93 12.00
CA GLU A 139 -14.61 16.72 13.42
CA GLU A 139 -14.64 16.72 13.40
C GLU A 139 -15.75 15.71 13.54
C GLU A 139 -15.76 15.69 13.51
N GLU A 140 -15.71 14.85 14.55
CA GLU A 140 -16.70 13.79 14.70
C GLU A 140 -16.94 13.03 13.37
N PRO A 141 -15.89 12.50 12.74
CA PRO A 141 -16.03 11.89 11.43
C PRO A 141 -16.78 10.58 11.57
N ALA A 142 -17.85 10.39 10.77
CA ALA A 142 -18.68 9.19 10.80
C ALA A 142 -19.08 8.80 9.38
N ASN A 143 -19.43 7.52 9.23
CA ASN A 143 -19.96 6.95 8.01
C ASN A 143 -21.35 6.49 8.36
N PRO A 144 -22.09 5.80 7.46
CA PRO A 144 -23.46 5.42 7.77
C PRO A 144 -23.59 4.42 8.92
N TYR A 145 -22.47 3.86 9.36
CA TYR A 145 -22.52 2.73 10.28
C TYR A 145 -21.87 3.05 11.62
N GLY A 146 -21.25 4.24 11.74
CA GLY A 146 -20.65 4.67 12.99
C GLY A 146 -19.47 5.62 12.81
N PRO A 147 -18.78 6.00 13.92
CA PRO A 147 -17.53 6.76 13.80
C PRO A 147 -16.59 6.02 12.87
N LEU A 148 -15.78 6.78 12.14
CA LEU A 148 -14.71 6.20 11.37
C LEU A 148 -13.79 5.48 12.35
N MET A 149 -13.21 4.38 11.85
CA MET A 149 -12.22 3.63 12.61
C MET A 149 -11.18 3.10 11.65
N GLY A 150 -9.89 3.32 11.97
CA GLY A 150 -8.77 2.82 11.18
C GLY A 150 -8.31 3.80 10.10
N HIS A 151 -8.98 4.95 10.05
CA HIS A 151 -8.74 5.96 9.05
C HIS A 151 -7.36 6.63 9.13
N VAL A 152 -6.53 6.33 10.13
CA VAL A 152 -5.14 6.78 10.12
C VAL A 152 -4.30 5.99 9.09
N PHE A 153 -4.80 4.80 8.71
CA PHE A 153 -4.04 3.87 7.86
C PHE A 153 -4.21 4.23 6.38
N LEU A 154 -3.53 5.29 5.96
CA LEU A 154 -3.72 5.86 4.64
C LEU A 154 -3.17 4.99 3.51
N SER A 155 -2.40 3.91 3.79
CA SER A 155 -1.97 2.97 2.76
C SER A 155 -3.18 2.40 2.04
N TRP A 156 -4.30 2.31 2.76
CA TRP A 156 -5.56 1.82 2.22
C TRP A 156 -6.07 2.69 1.06
N GLY A 157 -5.53 3.92 0.94
CA GLY A 157 -5.80 4.82 -0.17
C GLY A 157 -4.59 5.04 -1.10
N SER A 158 -3.58 4.16 -1.06
CA SER A 158 -2.46 4.29 -1.99
C SER A 158 -2.95 4.28 -3.45
N ILE A 159 -2.24 5.02 -4.29
CA ILE A 159 -2.60 5.30 -5.68
C ILE A 159 -1.85 4.32 -6.58
N TRP A 160 -2.59 3.65 -7.49
CA TRP A 160 -2.00 2.77 -8.47
C TRP A 160 -1.67 3.50 -9.78
N ARG A 161 -0.73 2.94 -10.56
CA ARG A 161 -0.61 3.32 -11.95
C ARG A 161 -2.00 3.21 -12.57
N GLY A 162 -2.48 4.34 -13.14
CA GLY A 162 -3.79 4.41 -13.77
C GLY A 162 -4.83 5.11 -12.92
N GLY A 163 -4.67 5.06 -11.59
CA GLY A 163 -5.55 5.82 -10.73
C GLY A 163 -5.80 5.20 -9.36
N SER A 164 -6.79 5.81 -8.68
CA SER A 164 -7.18 5.51 -7.30
C SER A 164 -8.20 4.38 -7.30
N VAL A 165 -8.44 3.76 -6.13
CA VAL A 165 -9.32 2.60 -6.02
C VAL A 165 -10.18 2.78 -4.78
N ILE A 166 -11.48 2.50 -4.93
CA ILE A 166 -12.38 2.36 -3.82
C ILE A 166 -12.35 0.89 -3.42
N SER A 167 -12.04 0.63 -2.14
CA SER A 167 -11.84 -0.70 -1.62
C SER A 167 -13.14 -1.26 -1.03
N ARG A 168 -13.20 -2.59 -0.98
CA ARG A 168 -14.17 -3.30 -0.18
C ARG A 168 -13.49 -3.93 1.04
N PHE A 169 -13.73 -3.29 2.19
CA PHE A 169 -13.18 -3.70 3.47
C PHE A 169 -13.85 -4.98 3.91
N GLY A 170 -13.00 -5.95 4.32
CA GLY A 170 -13.45 -7.27 4.75
C GLY A 170 -13.91 -7.36 6.21
N PHE A 171 -13.24 -6.62 7.13
CA PHE A 171 -13.43 -6.80 8.57
C PHE A 171 -13.77 -5.50 9.33
N LEU A 172 -13.50 -4.30 8.77
CA LEU A 172 -13.60 -3.04 9.52
C LEU A 172 -14.65 -2.10 8.94
N PRO A 173 -15.88 -2.09 9.45
CA PRO A 173 -16.91 -1.21 8.91
C PRO A 173 -16.64 0.30 9.06
N GLY A 174 -15.74 0.65 9.98
CA GLY A 174 -15.31 2.02 10.18
C GLY A 174 -14.55 2.59 8.99
N MET A 175 -14.22 1.73 7.99
CA MET A 175 -13.49 2.20 6.82
C MET A 175 -14.40 2.36 5.60
N VAL A 176 -15.67 1.97 5.72
CA VAL A 176 -16.68 2.35 4.75
C VAL A 176 -16.68 3.87 4.62
N GLY A 177 -16.66 4.37 3.38
CA GLY A 177 -16.66 5.81 3.14
C GLY A 177 -15.24 6.38 3.06
N VAL A 178 -14.24 5.66 3.59
CA VAL A 178 -12.93 6.26 3.78
C VAL A 178 -12.09 6.16 2.52
N SER A 179 -12.10 5.00 1.83
CA SER A 179 -11.34 4.91 0.60
C SER A 179 -11.96 5.87 -0.44
N GLU A 180 -13.29 6.10 -0.35
CA GLU A 180 -13.96 7.12 -1.17
C GLU A 180 -13.40 8.52 -0.87
N TYR A 181 -13.37 8.86 0.43
CA TYR A 181 -12.85 10.13 0.93
C TYR A 181 -11.43 10.36 0.42
N LEU A 182 -10.55 9.34 0.53
CA LEU A 182 -9.15 9.53 0.16
C LEU A 182 -8.98 9.67 -1.36
N ALA A 183 -9.74 8.89 -2.14
CA ALA A 183 -9.70 8.98 -3.60
C ALA A 183 -10.28 10.32 -4.07
N LYS A 184 -11.38 10.78 -3.45
CA LYS A 184 -11.92 12.10 -3.74
C LYS A 184 -10.90 13.20 -3.42
N TRP A 185 -10.25 13.09 -2.26
CA TRP A 185 -9.14 13.98 -1.89
C TRP A 185 -8.05 13.97 -2.95
N ALA A 186 -7.69 12.79 -3.46
CA ALA A 186 -6.62 12.68 -4.45
C ALA A 186 -7.00 13.36 -5.76
N TRP A 187 -8.28 13.25 -6.13
CA TRP A 187 -8.76 13.87 -7.35
C TRP A 187 -8.76 15.39 -7.19
N ASN A 188 -9.38 15.86 -6.10
CA ASN A 188 -9.55 17.29 -5.89
C ASN A 188 -8.20 17.97 -5.63
N THR A 189 -7.27 17.29 -4.95
CA THR A 189 -6.06 17.95 -4.50
C THR A 189 -4.91 17.72 -5.46
N LEU A 190 -4.80 16.52 -6.07
CA LEU A 190 -3.66 16.14 -6.89
C LEU A 190 -4.07 15.97 -8.36
N ASN A 191 -5.39 16.01 -8.63
CA ASN A 191 -5.96 15.79 -9.95
C ASN A 191 -5.78 14.34 -10.42
N ILE A 192 -5.67 13.41 -9.47
CA ILE A 192 -5.49 12.00 -9.79
C ILE A 192 -6.85 11.32 -9.92
N PRO A 193 -7.16 10.71 -11.07
CA PRO A 193 -8.48 10.10 -11.30
C PRO A 193 -8.70 8.76 -10.61
N PRO A 194 -9.96 8.32 -10.47
CA PRO A 194 -10.27 6.96 -10.04
C PRO A 194 -10.09 5.98 -11.19
N LEU A 195 -9.62 4.77 -10.85
CA LEU A 195 -9.43 3.65 -11.77
C LEU A 195 -10.60 2.70 -11.66
N VAL A 196 -10.96 2.29 -10.44
CA VAL A 196 -12.00 1.29 -10.29
C VAL A 196 -12.52 1.27 -8.84
N ALA A 197 -13.81 0.93 -8.70
CA ALA A 197 -14.37 0.53 -7.42
C ALA A 197 -14.47 -1.00 -7.36
N ILE A 198 -13.99 -1.60 -6.26
CA ILE A 198 -14.19 -3.01 -5.97
C ILE A 198 -15.63 -3.15 -5.52
N THR A 199 -16.38 -4.09 -6.11
CA THR A 199 -17.83 -4.14 -5.86
C THR A 199 -18.29 -5.54 -5.44
N GLU A 200 -17.36 -6.48 -5.34
CA GLU A 200 -17.70 -7.82 -4.89
C GLU A 200 -16.69 -8.33 -3.87
N GLY A 201 -17.17 -9.18 -2.95
CA GLY A 201 -16.30 -9.86 -2.01
C GLY A 201 -15.53 -8.86 -1.15
N ALA A 202 -14.21 -8.99 -1.11
CA ALA A 202 -13.35 -8.14 -0.33
C ALA A 202 -12.03 -7.96 -1.05
N MET A 203 -11.48 -6.75 -0.94
CA MET A 203 -10.18 -6.46 -1.52
C MET A 203 -9.71 -5.13 -0.96
N GLU A 204 -8.54 -5.18 -0.31
CA GLU A 204 -7.95 -4.05 0.36
C GLU A 204 -6.57 -3.86 -0.26
N PRO A 205 -6.53 -3.40 -1.54
CA PRO A 205 -5.29 -3.39 -2.30
C PRO A 205 -4.14 -2.58 -1.68
N GLY A 206 -4.47 -1.50 -0.98
CA GLY A 206 -3.45 -0.64 -0.39
C GLY A 206 -2.58 -1.32 0.67
N ALA A 207 -3.11 -2.38 1.30
CA ALA A 207 -2.38 -3.21 2.25
C ALA A 207 -1.55 -4.33 1.56
N CYS A 208 -1.64 -4.44 0.23
CA CYS A 208 -0.76 -5.31 -0.52
C CYS A 208 0.59 -4.59 -0.69
N ASN A 209 1.64 -5.36 -1.06
CA ASN A 209 2.97 -4.88 -1.39
C ASN A 209 3.31 -5.46 -2.78
N MET A 210 4.18 -4.79 -3.52
CA MET A 210 4.75 -5.33 -4.74
C MET A 210 6.24 -5.65 -4.49
N ILE A 211 6.75 -6.73 -5.12
CA ILE A 211 8.09 -7.20 -4.85
C ILE A 211 8.95 -7.12 -6.13
N ALA A 212 8.33 -6.72 -7.24
CA ALA A 212 9.02 -6.24 -8.43
C ALA A 212 8.06 -5.32 -9.19
N ASP A 213 8.47 -4.82 -10.36
CA ASP A 213 7.67 -3.83 -11.05
C ASP A 213 6.30 -4.37 -11.42
N GLU A 214 6.22 -5.69 -11.70
CA GLU A 214 4.97 -6.30 -12.16
C GLU A 214 4.58 -7.51 -11.31
N VAL A 215 5.00 -7.55 -10.04
CA VAL A 215 4.66 -8.68 -9.18
C VAL A 215 3.98 -8.15 -7.93
N LEU A 216 2.69 -8.48 -7.81
CA LEU A 216 1.89 -8.08 -6.67
C LEU A 216 1.85 -9.23 -5.67
N VAL A 217 1.85 -8.96 -4.35
CA VAL A 217 1.54 -9.98 -3.36
C VAL A 217 0.17 -9.67 -2.73
N THR A 218 -0.74 -10.66 -2.72
CA THR A 218 -2.01 -10.57 -2.03
C THR A 218 -2.08 -11.69 -1.00
N CYS A 219 -3.17 -11.73 -0.25
CA CYS A 219 -3.53 -12.86 0.58
C CYS A 219 -4.93 -13.32 0.18
N LEU A 220 -5.30 -14.55 0.53
CA LEU A 220 -6.69 -14.88 0.72
C LEU A 220 -6.94 -14.89 2.22
N SER A 221 -7.88 -14.05 2.68
CA SER A 221 -8.00 -13.78 4.09
C SER A 221 -9.27 -12.99 4.33
N ALA A 222 -9.41 -12.52 5.58
CA ALA A 222 -10.52 -11.66 5.93
C ALA A 222 -10.55 -10.40 5.06
N SER A 223 -9.42 -10.01 4.45
CA SER A 223 -9.33 -8.77 3.73
C SER A 223 -9.41 -8.96 2.20
N TYR A 224 -9.35 -10.23 1.71
CA TYR A 224 -9.38 -10.55 0.28
C TYR A 224 -10.06 -11.89 0.00
N ASP A 225 -11.06 -11.90 -0.87
CA ASP A 225 -11.55 -13.12 -1.48
C ASP A 225 -11.12 -13.13 -2.95
N GLN A 226 -11.47 -14.22 -3.65
CA GLN A 226 -10.97 -14.41 -5.00
C GLN A 226 -11.64 -13.43 -5.99
N ARG A 227 -12.94 -13.18 -5.82
CA ARG A 227 -13.74 -12.35 -6.70
C ARG A 227 -13.25 -10.91 -6.63
N GLY A 228 -13.12 -10.40 -5.39
CA GLY A 228 -12.51 -9.10 -5.15
C GLY A 228 -11.12 -8.99 -5.75
N THR A 229 -10.30 -10.03 -5.52
CA THR A 229 -8.92 -10.03 -6.00
C THR A 229 -8.89 -9.98 -7.53
N ASP A 230 -9.73 -10.81 -8.17
CA ASP A 230 -9.81 -10.90 -9.64
C ASP A 230 -10.16 -9.52 -10.24
N GLN A 231 -11.15 -8.85 -9.63
CA GLN A 231 -11.60 -7.52 -10.03
C GLN A 231 -10.46 -6.51 -9.97
N LEU A 232 -9.69 -6.51 -8.86
CA LEU A 232 -8.60 -5.55 -8.68
C LEU A 232 -7.50 -5.81 -9.69
N VAL A 233 -7.03 -7.07 -9.73
CA VAL A 233 -5.88 -7.41 -10.55
C VAL A 233 -6.19 -7.11 -12.02
N ALA A 234 -7.41 -7.43 -12.50
CA ALA A 234 -7.75 -7.14 -13.88
C ALA A 234 -7.61 -5.64 -14.16
N ALA A 235 -8.12 -4.77 -13.25
CA ALA A 235 -8.05 -3.33 -13.47
C ALA A 235 -6.60 -2.83 -13.48
N ILE A 236 -5.81 -3.17 -12.45
CA ILE A 236 -4.49 -2.56 -12.33
C ILE A 236 -3.53 -3.13 -13.37
N SER A 237 -3.75 -4.37 -13.85
CA SER A 237 -2.87 -4.97 -14.86
C SER A 237 -2.95 -4.23 -16.19
N LYS A 238 -4.10 -3.65 -16.51
CA LYS A 238 -4.29 -2.95 -17.76
C LYS A 238 -3.57 -1.61 -17.76
N THR A 239 -3.32 -1.02 -16.59
CA THR A 239 -2.64 0.26 -16.49
C THR A 239 -1.25 0.14 -15.88
N SER A 240 -0.73 -1.06 -15.68
CA SER A 240 0.51 -1.27 -14.95
C SER A 240 1.74 -0.75 -15.70
N GLY A 241 1.61 -0.62 -17.02
CA GLY A 241 2.76 -0.24 -17.84
C GLY A 241 3.78 -1.37 -18.01
N THR A 242 3.34 -2.62 -17.81
CA THR A 242 4.19 -3.79 -17.95
C THR A 242 3.48 -4.80 -18.84
N GLU A 243 4.30 -5.55 -19.60
CA GLU A 243 3.85 -6.61 -20.47
C GLU A 243 3.20 -7.74 -19.68
N GLU A 244 3.76 -8.12 -18.53
CA GLU A 244 3.18 -9.18 -17.72
C GLU A 244 2.69 -8.57 -16.41
N PHE A 245 1.85 -9.33 -15.69
CA PHE A 245 1.47 -8.98 -14.34
C PHE A 245 1.28 -10.27 -13.58
N HIS A 246 1.94 -10.39 -12.43
CA HIS A 246 1.91 -11.60 -11.61
C HIS A 246 1.28 -11.26 -10.27
N ASN A 247 0.43 -12.16 -9.76
CA ASN A 247 -0.11 -12.09 -8.41
C ASN A 247 0.37 -13.32 -7.62
N LEU A 248 1.27 -13.13 -6.65
CA LEU A 248 1.56 -14.14 -5.65
C LEU A 248 0.54 -14.06 -4.52
N GLN A 249 -0.19 -15.14 -4.28
CA GLN A 249 -1.28 -15.11 -3.31
C GLN A 249 -0.94 -15.97 -2.09
N LEU A 250 -0.66 -15.33 -0.95
CA LEU A 250 -0.39 -16.05 0.27
C LEU A 250 -1.73 -16.52 0.82
N ARG A 251 -1.67 -17.54 1.70
CA ARG A 251 -2.81 -18.24 2.27
C ARG A 251 -2.61 -18.32 3.79
N PRO A 252 -2.57 -17.18 4.51
CA PRO A 252 -2.24 -17.17 5.94
C PRO A 252 -3.33 -17.85 6.76
N ALA A 253 -2.98 -18.46 7.89
CA ALA A 253 -3.97 -19.09 8.75
C ALA A 253 -4.34 -18.13 9.88
N VAL A 254 -5.43 -17.39 9.68
CA VAL A 254 -5.83 -16.32 10.57
C VAL A 254 -7.31 -16.05 10.32
N GLU A 255 -8.05 -15.77 11.39
CA GLU A 255 -9.50 -15.65 11.30
C GLU A 255 -9.87 -14.19 10.99
N GLY A 256 -9.34 -13.23 11.77
CA GLY A 256 -9.56 -11.82 11.53
C GLY A 256 -8.33 -11.18 10.87
N PHE A 257 -7.87 -10.05 11.40
CA PHE A 257 -6.69 -9.37 10.87
C PHE A 257 -5.39 -10.04 11.30
N PHE A 258 -5.30 -10.43 12.58
CA PHE A 258 -4.00 -10.88 13.11
C PHE A 258 -4.22 -12.07 14.03
N ASN A 259 -3.27 -13.01 13.93
CA ASN A 259 -3.27 -14.21 14.75
C ASN A 259 -2.11 -14.10 15.73
N LYS A 260 -2.44 -13.77 16.99
CA LYS A 260 -1.44 -13.45 18.00
C LYS A 260 -0.75 -14.72 18.52
N ALA A 261 -1.27 -15.92 18.16
CA ALA A 261 -0.62 -17.18 18.48
C ALA A 261 0.54 -17.44 17.53
N THR A 262 0.56 -16.81 16.34
CA THR A 262 1.46 -17.25 15.28
C THR A 262 2.19 -16.10 14.59
N GLY A 263 1.59 -14.91 14.55
CA GLY A 263 2.17 -13.85 13.73
C GLY A 263 1.57 -13.76 12.33
N ALA A 264 0.64 -14.67 12.00
CA ALA A 264 -0.06 -14.66 10.71
C ALA A 264 -1.00 -13.46 10.63
N CYS A 265 -1.12 -12.93 9.41
CA CYS A 265 -1.89 -11.71 9.21
C CYS A 265 -2.63 -11.75 7.86
N ALA A 266 -3.84 -11.19 7.88
CA ALA A 266 -4.71 -11.02 6.74
C ALA A 266 -4.07 -10.13 5.66
N HIS A 267 -3.15 -9.23 6.03
CA HIS A 267 -2.57 -8.23 5.14
C HIS A 267 -1.18 -8.65 4.67
N PRO A 268 -0.93 -8.63 3.34
CA PRO A 268 0.41 -8.88 2.84
C PRO A 268 1.52 -8.04 3.49
N ASP A 269 1.23 -6.78 3.82
CA ASP A 269 2.29 -5.84 4.23
C ASP A 269 2.74 -6.07 5.67
N ILE A 270 2.05 -6.95 6.42
CA ILE A 270 2.51 -7.49 7.69
C ILE A 270 3.27 -8.82 7.52
N ASN A 271 3.15 -9.45 6.32
N ASN A 271 3.20 -9.43 6.32
CA ASN A 271 3.64 -10.77 5.98
CA ASN A 271 3.71 -10.76 6.07
C ASN A 271 5.02 -10.71 5.32
C ASN A 271 5.04 -10.73 5.32
N ILE A 272 5.25 -9.71 4.47
CA ILE A 272 6.35 -9.73 3.53
C ILE A 272 6.53 -8.34 2.92
N ASN A 273 7.77 -7.99 2.56
CA ASN A 273 7.98 -6.85 1.69
C ASN A 273 9.38 -6.93 1.08
N ALA A 274 9.57 -6.25 -0.06
CA ALA A 274 10.87 -6.17 -0.69
C ALA A 274 11.74 -5.18 0.08
N ILE A 275 13.03 -5.52 0.24
CA ILE A 275 14.01 -4.61 0.84
C ILE A 275 15.09 -4.23 -0.17
N ASP A 276 15.24 -5.05 -1.23
CA ASP A 276 16.11 -4.75 -2.36
C ASP A 276 15.67 -5.58 -3.56
N VAL A 277 16.43 -5.50 -4.67
CA VAL A 277 16.13 -6.26 -5.87
C VAL A 277 16.28 -7.75 -5.57
N GLY A 278 15.15 -8.47 -5.56
CA GLY A 278 15.14 -9.89 -5.27
C GLY A 278 15.60 -10.22 -3.86
N LYS A 279 15.37 -9.29 -2.91
CA LYS A 279 15.55 -9.58 -1.49
C LYS A 279 14.29 -9.14 -0.75
N LEU A 280 13.73 -10.05 0.04
CA LEU A 280 12.48 -9.80 0.76
C LEU A 280 12.71 -10.06 2.24
N VAL A 281 12.00 -9.29 3.10
CA VAL A 281 11.89 -9.62 4.50
C VAL A 281 10.56 -10.35 4.64
N VAL A 282 10.51 -11.45 5.39
CA VAL A 282 9.32 -12.31 5.32
C VAL A 282 9.02 -12.90 6.69
N SER A 283 7.73 -12.89 7.06
CA SER A 283 7.29 -13.48 8.31
C SER A 283 7.44 -15.00 8.24
N PRO A 284 7.73 -15.67 9.38
CA PRO A 284 7.69 -17.13 9.41
C PRO A 284 6.29 -17.73 9.24
N ALA A 285 5.24 -16.94 9.44
CA ALA A 285 3.89 -17.45 9.35
C ALA A 285 3.26 -17.17 7.97
N ALA A 286 4.06 -16.76 6.99
CA ALA A 286 3.54 -16.23 5.73
C ALA A 286 3.44 -17.29 4.62
N LEU A 287 4.50 -18.12 4.48
CA LEU A 287 4.76 -18.87 3.25
C LEU A 287 4.29 -20.32 3.33
N ASP A 288 3.19 -20.60 2.64
CA ASP A 288 2.76 -21.95 2.31
C ASP A 288 3.71 -22.48 1.25
N TRP A 289 3.59 -23.77 0.98
CA TRP A 289 4.54 -24.45 0.13
C TRP A 289 4.57 -23.91 -1.31
N ASP A 290 3.40 -23.59 -1.87
CA ASP A 290 3.34 -23.08 -3.24
C ASP A 290 4.00 -21.69 -3.34
N ALA A 291 3.72 -20.81 -2.34
CA ALA A 291 4.33 -19.50 -2.30
C ALA A 291 5.85 -19.62 -2.21
N ARG A 292 6.33 -20.52 -1.33
CA ARG A 292 7.76 -20.75 -1.15
C ARG A 292 8.39 -21.21 -2.44
N THR A 293 7.69 -22.11 -3.15
CA THR A 293 8.17 -22.67 -4.41
C THR A 293 8.32 -21.59 -5.48
N TRP A 294 7.29 -20.74 -5.58
CA TRP A 294 7.27 -19.68 -6.58
C TRP A 294 8.42 -18.72 -6.35
N LEU A 295 8.61 -18.34 -5.08
CA LEU A 295 9.66 -17.39 -4.70
C LEU A 295 11.02 -17.99 -4.99
N TYR A 296 11.18 -19.31 -4.75
CA TYR A 296 12.43 -19.99 -5.03
C TYR A 296 12.71 -20.01 -6.53
N ASP A 297 11.72 -20.44 -7.32
CA ASP A 297 11.84 -20.55 -8.78
C ASP A 297 12.16 -19.19 -9.39
N ASN A 298 11.64 -18.11 -8.81
CA ASN A 298 11.85 -16.78 -9.37
C ASN A 298 13.03 -16.05 -8.74
N ASN A 299 13.85 -16.77 -7.95
CA ASN A 299 15.18 -16.30 -7.57
C ASN A 299 15.15 -15.21 -6.50
N PHE A 300 14.11 -15.21 -5.64
CA PHE A 300 14.02 -14.27 -4.54
C PHE A 300 14.80 -14.79 -3.33
N GLU A 301 15.66 -13.93 -2.78
CA GLU A 301 16.34 -14.19 -1.52
C GLU A 301 15.46 -13.77 -0.36
N LEU A 302 15.35 -14.61 0.67
CA LEU A 302 14.41 -14.40 1.77
C LEU A 302 15.20 -14.11 3.05
N ILE A 303 14.92 -12.96 3.68
CA ILE A 303 15.38 -12.63 5.00
C ILE A 303 14.25 -12.82 6.00
N GLU A 304 14.40 -13.75 6.95
CA GLU A 304 13.30 -14.07 7.82
C GLU A 304 13.22 -13.06 8.96
N ALA A 305 12.03 -12.44 9.15
CA ALA A 305 11.79 -11.62 10.32
C ALA A 305 11.97 -12.46 11.56
N ASP A 306 12.39 -11.80 12.64
CA ASP A 306 12.52 -12.42 13.95
C ASP A 306 11.16 -12.94 14.35
N PRO A 307 11.04 -14.20 14.81
CA PRO A 307 9.74 -14.78 15.15
C PRO A 307 9.00 -14.12 16.29
N ASP A 308 9.73 -13.60 17.30
CA ASP A 308 9.07 -12.97 18.44
C ASP A 308 8.59 -11.55 18.08
N GLU A 309 9.40 -10.80 17.32
CA GLU A 309 9.01 -9.49 16.81
C GLU A 309 7.70 -9.64 16.02
N GLN A 310 7.62 -10.69 15.21
CA GLN A 310 6.46 -10.92 14.35
C GLN A 310 5.24 -11.26 15.18
N ARG A 311 5.35 -12.30 16.05
CA ARG A 311 4.22 -12.81 16.81
C ARG A 311 3.69 -11.74 17.78
N GLU A 312 4.57 -10.90 18.33
CA GLU A 312 4.15 -9.90 19.31
C GLU A 312 3.54 -8.67 18.61
N PHE A 313 3.48 -8.70 17.28
CA PHE A 313 2.96 -7.59 16.48
C PHE A 313 3.80 -6.35 16.73
N LEU A 314 5.11 -6.47 16.52
CA LEU A 314 5.96 -5.30 16.40
C LEU A 314 6.08 -4.85 14.93
N ALA A 315 5.37 -5.55 14.02
CA ALA A 315 5.28 -5.22 12.60
C ALA A 315 6.67 -5.19 11.96
N PRO A 316 7.57 -6.16 12.19
CA PRO A 316 8.88 -6.13 11.56
C PRO A 316 8.85 -6.26 10.04
N CYS A 317 7.75 -6.73 9.42
CA CYS A 317 7.67 -6.77 7.97
C CYS A 317 7.00 -5.53 7.39
N ASN A 318 6.42 -4.68 8.25
CA ASN A 318 5.70 -3.50 7.81
C ASN A 318 6.68 -2.35 7.54
N VAL A 319 7.83 -2.69 6.92
CA VAL A 319 8.81 -1.70 6.51
C VAL A 319 8.35 -1.03 5.21
N LEU A 320 8.80 0.22 4.97
CA LEU A 320 8.48 0.95 3.74
C LEU A 320 9.73 1.08 2.88
N LEU A 321 9.68 0.56 1.65
CA LEU A 321 10.81 0.66 0.73
C LEU A 321 10.88 2.06 0.13
N LEU A 322 11.96 2.81 0.40
CA LEU A 322 12.10 4.15 -0.17
C LEU A 322 12.68 4.02 -1.57
N GLU A 323 13.59 3.04 -1.71
N GLU A 323 13.58 3.04 -1.71
CA GLU A 323 14.16 2.63 -2.98
CA GLU A 323 14.16 2.62 -2.97
C GLU A 323 14.92 1.32 -2.70
C GLU A 323 14.92 1.32 -2.70
N PRO A 324 15.29 0.52 -3.72
CA PRO A 324 16.00 -0.73 -3.47
C PRO A 324 17.20 -0.43 -2.57
N GLY A 325 17.31 -1.16 -1.46
CA GLY A 325 18.44 -1.03 -0.56
C GLY A 325 18.21 0.01 0.53
N LYS A 326 17.01 0.56 0.67
CA LYS A 326 16.78 1.49 1.77
C LYS A 326 15.33 1.46 2.21
N VAL A 327 15.09 1.21 3.51
CA VAL A 327 13.74 1.10 4.06
C VAL A 327 13.60 1.94 5.32
N ILE A 328 12.37 2.31 5.63
CA ILE A 328 11.97 2.78 6.96
C ILE A 328 11.40 1.59 7.71
N ALA A 329 11.80 1.45 8.98
CA ALA A 329 11.35 0.35 9.82
C ALA A 329 11.04 0.84 11.23
N HIS A 330 10.20 0.08 11.95
CA HIS A 330 10.00 0.28 13.39
C HIS A 330 11.33 0.16 14.14
N ALA A 331 11.65 1.20 14.92
CA ALA A 331 12.93 1.33 15.60
C ALA A 331 13.13 0.25 16.65
N ASP A 332 12.04 -0.33 17.20
CA ASP A 332 12.19 -1.37 18.20
C ASP A 332 12.19 -2.79 17.61
N CYS A 333 12.22 -2.98 16.28
CA CYS A 333 12.36 -4.30 15.69
C CYS A 333 13.85 -4.59 15.50
N HIS A 334 14.59 -4.65 16.62
CA HIS A 334 16.06 -4.63 16.60
C HIS A 334 16.61 -5.83 15.85
N LYS A 335 16.02 -7.02 16.07
CA LYS A 335 16.60 -8.24 15.51
C LYS A 335 16.36 -8.29 14.01
N THR A 336 15.13 -8.00 13.57
CA THR A 336 14.83 -8.00 12.15
C THR A 336 15.68 -6.95 11.41
N ASN A 337 15.84 -5.78 12.02
CA ASN A 337 16.51 -4.67 11.38
C ASN A 337 17.98 -5.01 11.19
N GLN A 338 18.62 -5.71 12.15
CA GLN A 338 20.02 -6.10 12.00
C GLN A 338 20.14 -7.09 10.84
N LYS A 339 19.20 -8.03 10.72
CA LYS A 339 19.17 -8.96 9.58
C LYS A 339 19.03 -8.21 8.25
N ILE A 340 18.23 -7.13 8.24
CA ILE A 340 18.07 -6.33 7.04
C ILE A 340 19.41 -5.65 6.71
N ARG A 341 20.10 -5.09 7.71
CA ARG A 341 21.41 -4.46 7.49
C ARG A 341 22.44 -5.48 7.02
N ASP A 342 22.41 -6.66 7.64
CA ASP A 342 23.26 -7.78 7.25
C ASP A 342 23.05 -8.12 5.78
N ALA A 343 21.85 -7.94 5.23
CA ALA A 343 21.57 -8.21 3.81
C ALA A 343 21.94 -7.01 2.93
N GLY A 344 22.64 -6.02 3.51
CA GLY A 344 23.18 -4.91 2.72
C GLY A 344 22.17 -3.78 2.52
N VAL A 345 21.10 -3.73 3.31
CA VAL A 345 20.08 -2.70 3.14
C VAL A 345 20.24 -1.66 4.24
N GLU A 346 20.08 -0.38 3.91
CA GLU A 346 20.06 0.67 4.91
C GLU A 346 18.69 0.72 5.58
N VAL A 347 18.67 0.78 6.91
CA VAL A 347 17.47 0.89 7.72
C VAL A 347 17.44 2.27 8.37
N ILE A 348 16.37 3.02 8.09
CA ILE A 348 16.06 4.24 8.78
C ILE A 348 15.06 3.87 9.87
N GLU A 349 15.52 3.88 11.12
CA GLU A 349 14.70 3.51 12.26
C GLU A 349 13.79 4.67 12.63
N VAL A 350 12.49 4.36 12.82
CA VAL A 350 11.50 5.35 13.19
C VAL A 350 10.61 4.74 14.26
N THR A 351 10.29 5.52 15.29
CA THR A 351 9.39 5.09 16.35
C THR A 351 8.05 4.78 15.72
N GLY A 352 7.49 3.62 16.07
CA GLY A 352 6.13 3.27 15.67
C GLY A 352 5.50 2.35 16.69
N THR A 353 5.03 2.91 17.80
CA THR A 353 4.52 2.10 18.89
C THR A 353 3.03 2.35 19.07
N GLU A 354 2.58 3.61 19.07
CA GLU A 354 1.15 3.89 19.25
C GLU A 354 0.30 3.37 18.07
N ILE A 355 0.89 3.47 16.87
CA ILE A 355 0.29 2.99 15.63
C ILE A 355 -0.08 1.51 15.71
N ARG A 356 0.75 0.70 16.37
CA ARG A 356 0.54 -0.75 16.44
C ARG A 356 -0.60 -1.13 17.41
N LYS A 357 -1.20 -0.18 18.12
CA LYS A 357 -2.36 -0.53 18.93
C LYS A 357 -3.62 -0.81 18.08
N ALA A 358 -3.59 -0.46 16.77
CA ALA A 358 -4.60 -0.98 15.85
C ALA A 358 -3.95 -1.81 14.74
N CYS A 359 -4.70 -2.06 13.65
CA CYS A 359 -4.37 -3.05 12.61
C CYS A 359 -3.41 -2.47 11.56
N GLY A 360 -2.21 -2.14 12.04
CA GLY A 360 -1.10 -1.78 11.16
C GLY A 360 0.10 -1.17 11.88
N GLY A 361 1.15 -0.89 11.10
CA GLY A 361 2.34 -0.18 11.55
C GLY A 361 2.69 0.93 10.56
N ILE A 362 3.98 1.25 10.42
CA ILE A 362 4.41 2.42 9.69
C ILE A 362 4.00 2.33 8.21
N LYS A 363 4.39 1.27 7.47
CA LYS A 363 4.03 1.25 6.05
C LYS A 363 2.51 1.35 5.89
N ALA A 364 1.76 0.75 6.81
CA ALA A 364 0.31 0.74 6.70
C ALA A 364 -0.29 2.14 6.79
N ARG A 365 0.38 3.08 7.47
CA ARG A 365 -0.21 4.40 7.70
C ARG A 365 0.18 5.41 6.61
N VAL A 366 1.02 5.01 5.63
CA VAL A 366 1.49 5.90 4.58
C VAL A 366 0.74 5.69 3.26
N MET A 367 0.08 6.75 2.79
CA MET A 367 -0.55 6.72 1.48
C MET A 367 0.55 6.96 0.46
N GLN A 368 0.84 5.98 -0.39
CA GLN A 368 1.90 6.16 -1.39
C GLN A 368 1.29 6.72 -2.66
N ILE A 369 1.83 7.84 -3.16
CA ILE A 369 1.20 8.56 -4.25
C ILE A 369 2.00 8.36 -5.52
N ASN A 370 3.34 8.43 -5.41
CA ASN A 370 4.19 8.33 -6.59
C ASN A 370 5.50 7.61 -6.28
N ARG A 371 5.77 6.54 -7.05
CA ARG A 371 7.01 5.80 -7.01
C ARG A 371 7.47 5.64 -8.45
N GLU A 372 8.72 5.98 -8.72
CA GLU A 372 9.26 5.92 -10.05
C GLU A 372 9.43 4.46 -10.49
N PRO A 373 9.32 4.17 -11.80
CA PRO A 373 9.51 2.81 -12.30
C PRO A 373 10.82 2.26 -11.75
N GLY A 374 10.83 0.99 -11.35
CA GLY A 374 12.00 0.40 -10.74
C GLY A 374 12.28 -1.00 -11.27
N PRO A 375 13.17 -1.76 -10.63
CA PRO A 375 13.55 -3.07 -11.15
C PRO A 375 12.38 -4.05 -11.35
N THR A 376 12.56 -4.91 -12.36
CA THR A 376 11.55 -5.81 -12.88
C THR A 376 11.78 -7.25 -12.39
N LEU A 377 10.81 -8.12 -12.70
CA LEU A 377 10.95 -9.53 -12.37
C LEU A 377 12.13 -10.15 -13.13
N ALA A 378 12.40 -9.72 -14.36
CA ALA A 378 13.56 -10.18 -15.10
C ALA A 378 14.84 -9.80 -14.37
N ASP A 379 14.89 -8.57 -13.83
CA ASP A 379 16.03 -8.12 -13.02
C ASP A 379 16.21 -9.04 -11.83
N VAL A 380 15.11 -9.40 -11.13
CA VAL A 380 15.23 -10.28 -10.00
C VAL A 380 15.82 -11.63 -10.45
N ARG A 381 15.22 -12.20 -11.51
CA ARG A 381 15.60 -13.50 -12.02
C ARG A 381 17.06 -13.51 -12.50
N ASN A 382 17.56 -12.38 -12.98
CA ASN A 382 18.92 -12.32 -13.51
C ASN A 382 19.97 -12.09 -12.43
N ARG A 383 19.60 -11.73 -11.21
CA ARG A 383 20.61 -11.45 -10.22
C ARG A 383 21.28 -12.76 -9.84
N VAL A 384 22.63 -12.80 -9.88
CA VAL A 384 23.38 -13.98 -9.49
C VAL A 384 23.77 -13.82 -8.02
N TRP A 385 23.26 -14.71 -7.16
CA TRP A 385 23.54 -14.63 -5.74
C TRP A 385 23.56 -16.00 -5.04
N ARG A 386 22.78 -17.00 -5.48
CA ARG A 386 22.62 -18.23 -4.71
C ARG A 386 23.97 -18.95 -4.56
C1 GOL B . 13.94 -18.91 6.28
O1 GOL B . 13.20 -18.42 7.41
C2 GOL B . 13.23 -18.64 4.96
O2 GOL B . 13.73 -19.56 4.00
C3 GOL B . 11.72 -18.75 5.02
O3 GOL B . 11.07 -17.71 5.76
NA NA C . -13.33 -3.46 -13.83
CL CL D . -9.13 3.20 -44.34
C1 EDO E . -16.02 10.68 5.93
O1 EDO E . -16.51 9.48 5.37
C2 EDO E . -17.13 11.61 6.17
O2 EDO E . -17.05 12.30 7.39
C1 EDO F . 17.68 -21.41 -9.25
O1 EDO F . 18.00 -22.44 -8.32
C2 EDO F . 16.40 -20.71 -9.00
O2 EDO F . 16.58 -19.46 -8.35
S DMS G . 2.12 14.31 -17.77
O DMS G . 1.73 13.31 -18.84
C1 DMS G . 2.27 15.91 -18.57
C2 DMS G . 3.84 14.02 -17.43
#